data_6VY8
#
_entry.id   6VY8
#
_entity_poly.entity_id   1
_entity_poly.type   'polypeptide(L)'
_entity_poly.pdbx_seq_one_letter_code
;GR(RVJ)TKSIPPI(2AG)FPD
;
_entity_poly.pdbx_strand_id   A
#
# COMPACT_ATOMS: atom_id res chain seq x y z
N GLY A 1 5.91 1.74 -5.59
CA GLY A 1 4.89 2.73 -5.84
C GLY A 1 3.48 2.27 -5.51
N ARG A 2 3.33 1.00 -5.28
CA ARG A 2 2.02 0.46 -4.96
C ARG A 2 1.73 0.57 -3.47
N THR A 4 -1.81 0.63 -1.38
CA THR A 4 -3.24 0.61 -1.31
C THR A 4 -3.66 1.18 0.05
N LYS A 5 -4.58 2.12 0.01
CA LYS A 5 -4.99 2.87 1.21
C LYS A 5 -6.07 2.17 2.01
N SER A 6 -6.42 0.98 1.63
CA SER A 6 -7.38 0.18 2.35
C SER A 6 -6.63 -0.37 3.54
N ILE A 7 -7.27 -0.44 4.68
CA ILE A 7 -6.57 -0.86 5.87
C ILE A 7 -6.68 -2.37 6.08
N PRO A 8 -5.59 -3.03 6.51
CA PRO A 8 -4.29 -2.39 6.76
C PRO A 8 -3.55 -2.05 5.44
N PRO A 9 -3.01 -0.82 5.32
CA PRO A 9 -2.40 -0.36 4.09
C PRO A 9 -1.10 -1.09 3.76
N ILE A 10 -1.06 -1.68 2.61
CA ILE A 10 0.07 -2.35 2.13
C ILE A 10 0.78 -1.48 1.10
N PHE A 12 4.29 -0.91 -1.06
CA PHE A 12 5.48 -1.47 -1.62
C PHE A 12 6.29 -0.32 -2.23
N PRO A 13 7.62 -0.34 -2.10
CA PRO A 13 8.50 0.79 -2.49
C PRO A 13 8.48 1.11 -3.98
N ASP A 14 7.93 0.22 -4.76
CA ASP A 14 7.84 0.40 -6.19
C ASP A 14 6.72 1.36 -6.57
N GLY A 1 5.84 1.62 -5.57
CA GLY A 1 5.10 2.85 -5.82
C GLY A 1 3.66 2.67 -5.47
N ARG A 2 3.28 1.43 -5.37
CA ARG A 2 1.94 1.06 -5.04
C ARG A 2 1.74 0.93 -3.55
N THR A 4 -1.79 0.64 -0.98
CA THR A 4 -3.22 0.56 -0.88
C THR A 4 -3.75 1.45 0.24
N LYS A 5 -4.87 2.11 -0.01
CA LYS A 5 -5.51 2.92 0.99
C LYS A 5 -6.53 2.11 1.78
N SER A 6 -6.59 0.85 1.48
CA SER A 6 -7.45 -0.06 2.16
C SER A 6 -6.69 -0.60 3.37
N ILE A 7 -7.19 -0.35 4.55
CA ILE A 7 -6.49 -0.72 5.77
C ILE A 7 -6.71 -2.20 6.14
N PRO A 8 -5.70 -2.87 6.72
CA PRO A 8 -4.35 -2.32 6.94
C PRO A 8 -3.62 -2.14 5.61
N PRO A 9 -2.99 -0.97 5.40
CA PRO A 9 -2.40 -0.62 4.11
C PRO A 9 -1.12 -1.40 3.79
N ILE A 10 -0.92 -1.66 2.54
CA ILE A 10 0.25 -2.36 2.06
C ILE A 10 0.94 -1.47 1.04
N PHE A 12 4.53 -0.88 -1.06
CA PHE A 12 5.82 -1.38 -1.47
C PHE A 12 6.60 -0.25 -2.11
N PRO A 13 7.95 -0.30 -2.09
CA PRO A 13 8.81 0.73 -2.74
C PRO A 13 8.55 0.83 -4.25
N ASP A 14 7.82 -0.15 -4.75
CA ASP A 14 7.31 -0.23 -6.12
C ASP A 14 6.61 1.08 -6.50
N GLY A 1 5.97 1.64 -5.38
CA GLY A 1 5.07 2.76 -5.49
C GLY A 1 3.65 2.30 -5.59
N ARG A 2 3.31 1.29 -4.83
CA ARG A 2 1.97 0.73 -4.83
C ARG A 2 1.49 0.66 -3.40
N THR A 4 -1.86 0.59 -0.77
CA THR A 4 -3.27 0.33 -0.65
C THR A 4 -3.92 1.41 0.21
N LYS A 5 -5.04 1.94 -0.25
CA LYS A 5 -5.76 3.02 0.40
C LYS A 5 -6.75 2.47 1.41
N SER A 6 -6.68 1.20 1.62
CA SER A 6 -7.52 0.53 2.54
C SER A 6 -6.60 -0.18 3.52
N ILE A 7 -7.04 -0.36 4.73
CA ILE A 7 -6.20 -0.94 5.76
C ILE A 7 -6.43 -2.45 5.87
N PRO A 8 -5.39 -3.24 6.24
CA PRO A 8 -4.02 -2.74 6.52
C PRO A 8 -3.36 -2.24 5.24
N PRO A 9 -2.78 -1.05 5.26
CA PRO A 9 -2.23 -0.45 4.07
C PRO A 9 -0.86 -1.00 3.74
N ILE A 10 -0.79 -1.73 2.68
CA ILE A 10 0.45 -2.25 2.22
C ILE A 10 0.99 -1.34 1.15
N PHE A 12 4.19 -0.82 -1.17
CA PHE A 12 5.39 -1.41 -1.72
C PHE A 12 6.34 -0.31 -2.19
N PRO A 13 7.68 -0.55 -2.09
CA PRO A 13 8.72 0.41 -2.56
C PRO A 13 8.62 0.72 -4.06
N ASP A 14 7.87 -0.11 -4.75
CA ASP A 14 7.60 0.05 -6.17
C ASP A 14 6.71 1.26 -6.41
N GLY A 1 6.13 1.62 -5.20
CA GLY A 1 5.07 2.53 -5.00
C GLY A 1 3.91 1.67 -4.64
N ARG A 2 2.74 2.03 -5.10
CA ARG A 2 1.53 1.24 -4.88
C ARG A 2 1.25 1.04 -3.41
N THR A 4 -1.78 0.88 -0.82
CA THR A 4 -3.18 0.63 -0.85
C THR A 4 -3.93 1.54 0.13
N LYS A 5 -5.19 1.81 -0.19
CA LYS A 5 -6.02 2.64 0.66
C LYS A 5 -6.90 1.77 1.53
N SER A 6 -6.81 0.51 1.31
CA SER A 6 -7.53 -0.46 2.09
C SER A 6 -6.70 -0.80 3.32
N ILE A 7 -7.24 -0.50 4.50
CA ILE A 7 -6.49 -0.72 5.73
C ILE A 7 -6.57 -2.17 6.19
N PRO A 8 -5.48 -2.70 6.79
CA PRO A 8 -4.20 -1.97 6.94
C PRO A 8 -3.51 -1.86 5.58
N PRO A 9 -2.93 -0.72 5.26
CA PRO A 9 -2.34 -0.49 3.96
C PRO A 9 -0.96 -1.13 3.82
N ILE A 10 -0.70 -1.63 2.64
CA ILE A 10 0.58 -2.17 2.29
C ILE A 10 1.10 -1.33 1.16
N PHE A 12 4.39 -0.82 -1.41
CA PHE A 12 5.55 -1.51 -1.95
C PHE A 12 6.68 -0.51 -2.26
N PRO A 13 7.93 -0.99 -2.50
CA PRO A 13 9.07 -0.12 -2.86
C PRO A 13 8.95 0.41 -4.31
N ASP A 14 7.97 -0.10 -5.02
CA ASP A 14 7.70 0.33 -6.40
C ASP A 14 6.76 1.50 -6.33
N GLY A 1 5.88 1.57 -5.34
CA GLY A 1 5.08 2.75 -5.45
C GLY A 1 3.66 2.48 -5.02
N ARG A 2 3.23 1.26 -5.25
CA ARG A 2 1.88 0.84 -4.93
C ARG A 2 1.61 0.89 -3.44
N THR A 4 -1.74 1.03 -1.29
CA THR A 4 -3.18 0.94 -1.38
C THR A 4 -3.85 1.55 -0.14
N LYS A 5 -4.99 2.19 -0.37
CA LYS A 5 -5.78 2.74 0.68
C LYS A 5 -6.86 1.76 1.04
N SER A 6 -6.44 0.84 1.82
CA SER A 6 -7.23 -0.18 2.41
C SER A 6 -6.50 -0.44 3.68
N ILE A 7 -7.13 -1.00 4.65
CA ILE A 7 -6.47 -1.19 5.92
C ILE A 7 -6.36 -2.67 6.27
N PRO A 8 -5.17 -3.15 6.69
CA PRO A 8 -3.95 -2.31 6.83
C PRO A 8 -3.39 -1.89 5.46
N PRO A 9 -2.80 -0.69 5.38
CA PRO A 9 -2.28 -0.16 4.11
C PRO A 9 -0.98 -0.82 3.69
N ILE A 10 -1.04 -1.50 2.60
CA ILE A 10 0.12 -2.16 2.08
C ILE A 10 0.76 -1.27 1.04
N PHE A 12 4.21 -0.94 -1.19
CA PHE A 12 5.40 -1.54 -1.71
C PHE A 12 6.35 -0.43 -2.13
N PRO A 13 7.67 -0.67 -2.07
CA PRO A 13 8.69 0.30 -2.52
C PRO A 13 8.61 0.53 -4.04
N ASP A 14 7.77 -0.24 -4.69
CA ASP A 14 7.44 -0.09 -6.10
C ASP A 14 6.68 1.20 -6.32
N GLY A 1 6.04 1.13 -5.96
CA GLY A 1 5.17 2.11 -6.54
C GLY A 1 3.76 1.65 -6.42
N ARG A 2 3.34 1.41 -5.19
CA ARG A 2 2.03 0.90 -4.91
C ARG A 2 1.72 1.05 -3.43
N THR A 4 -1.98 0.64 -1.14
CA THR A 4 -3.37 0.53 -0.95
C THR A 4 -3.71 1.23 0.37
N LYS A 5 -4.62 2.18 0.32
CA LYS A 5 -4.96 3.03 1.46
C LYS A 5 -6.02 2.40 2.33
N SER A 6 -6.51 1.29 1.89
CA SER A 6 -7.48 0.54 2.62
C SER A 6 -6.72 -0.29 3.62
N ILE A 7 -7.22 -0.38 4.81
CA ILE A 7 -6.53 -1.06 5.88
C ILE A 7 -6.79 -2.57 5.85
N PRO A 8 -5.78 -3.41 6.14
CA PRO A 8 -4.41 -2.97 6.48
C PRO A 8 -3.66 -2.44 5.26
N PRO A 9 -3.04 -1.26 5.34
CA PRO A 9 -2.45 -0.62 4.19
C PRO A 9 -1.17 -1.29 3.74
N ILE A 10 -1.10 -1.58 2.48
CA ILE A 10 0.02 -2.25 1.90
C ILE A 10 0.69 -1.33 0.91
N PHE A 12 4.51 -0.49 -0.87
CA PHE A 12 5.89 -0.88 -1.13
C PHE A 12 6.55 0.17 -2.02
N PRO A 13 7.90 0.36 -1.90
CA PRO A 13 8.67 1.33 -2.73
C PRO A 13 8.70 0.95 -4.22
N ASP A 14 7.98 -0.10 -4.56
CA ASP A 14 7.75 -0.55 -5.93
C ASP A 14 6.95 0.51 -6.68
N GLY A 1 6.09 1.71 -5.25
CA GLY A 1 5.34 2.93 -5.45
C GLY A 1 3.87 2.67 -5.34
N ARG A 2 3.52 1.42 -5.29
CA ARG A 2 2.15 1.00 -5.20
C ARG A 2 1.74 0.95 -3.76
N THR A 4 -1.93 0.94 -1.73
CA THR A 4 -3.35 0.90 -1.69
C THR A 4 -3.81 1.32 -0.31
N LYS A 5 -4.86 2.11 -0.24
CA LYS A 5 -5.32 2.62 1.01
C LYS A 5 -6.31 1.66 1.60
N SER A 6 -5.79 0.54 1.93
CA SER A 6 -6.49 -0.49 2.55
C SER A 6 -6.27 -0.36 4.03
N ILE A 7 -6.89 -1.19 4.81
CA ILE A 7 -6.66 -1.22 6.22
C ILE A 7 -6.45 -2.67 6.65
N PRO A 8 -5.20 -3.08 6.97
CA PRO A 8 -4.01 -2.19 7.00
C PRO A 8 -3.55 -1.77 5.58
N PRO A 9 -2.93 -0.58 5.46
CA PRO A 9 -2.49 -0.06 4.17
C PRO A 9 -1.32 -0.88 3.59
N ILE A 10 -1.45 -1.26 2.35
CA ILE A 10 -0.43 -2.05 1.69
C ILE A 10 0.37 -1.17 0.76
N PHE A 12 4.13 -0.90 -1.17
CA PHE A 12 5.37 -1.51 -1.54
C PHE A 12 6.32 -0.41 -1.99
N PRO A 13 7.66 -0.63 -1.88
CA PRO A 13 8.69 0.35 -2.35
C PRO A 13 8.58 0.59 -3.87
N ASP A 14 7.77 -0.25 -4.50
CA ASP A 14 7.47 -0.19 -5.92
C ASP A 14 6.72 1.11 -6.26
N GLY A 1 6.07 0.27 -5.87
CA GLY A 1 4.73 0.14 -6.40
C GLY A 1 3.83 1.21 -5.87
N ARG A 2 2.72 0.82 -5.31
CA ARG A 2 1.78 1.77 -4.75
C ARG A 2 1.52 1.43 -3.29
N THR A 4 -1.69 1.10 -0.73
CA THR A 4 -3.12 0.96 -0.75
C THR A 4 -3.77 1.81 0.30
N LYS A 5 -4.95 2.31 0.00
CA LYS A 5 -5.71 3.16 0.88
C LYS A 5 -6.75 2.36 1.63
N SER A 6 -6.55 1.08 1.70
CA SER A 6 -7.41 0.19 2.42
C SER A 6 -6.59 -0.41 3.55
N ILE A 7 -7.08 -0.35 4.76
CA ILE A 7 -6.34 -0.91 5.88
C ILE A 7 -6.78 -2.36 6.17
N PRO A 8 -5.85 -3.25 6.60
CA PRO A 8 -4.41 -2.94 6.74
C PRO A 8 -3.77 -2.65 5.37
N PRO A 9 -3.01 -1.56 5.25
CA PRO A 9 -2.46 -1.15 3.98
C PRO A 9 -1.13 -1.80 3.65
N ILE A 10 -0.80 -1.81 2.39
CA ILE A 10 0.46 -2.31 1.93
C ILE A 10 1.05 -1.25 1.02
N PHE A 12 4.25 -0.52 -1.37
CA PHE A 12 5.42 -0.96 -2.03
C PHE A 12 6.22 0.26 -2.42
N PRO A 13 7.50 0.36 -2.02
CA PRO A 13 8.36 1.48 -2.42
C PRO A 13 8.65 1.45 -3.92
N ASP A 14 8.33 0.33 -4.51
CA ASP A 14 8.48 0.08 -5.93
C ASP A 14 7.12 0.00 -6.61
N GLY A 1 6.12 0.33 -5.75
CA GLY A 1 4.88 -0.15 -6.31
C GLY A 1 3.67 0.63 -5.82
N ARG A 2 2.66 -0.09 -5.38
CA ARG A 2 1.40 0.51 -4.92
C ARG A 2 1.40 0.75 -3.41
N THR A 4 -2.03 1.62 -1.43
CA THR A 4 -3.38 2.02 -1.29
C THR A 4 -3.72 2.15 0.17
N LYS A 5 -4.64 3.03 0.48
CA LYS A 5 -5.08 3.30 1.82
C LYS A 5 -6.10 2.25 2.25
N SER A 6 -5.73 1.02 2.02
CA SER A 6 -6.50 -0.12 2.37
C SER A 6 -6.35 -0.33 3.87
N ILE A 7 -7.03 -1.28 4.41
CA ILE A 7 -6.89 -1.60 5.80
C ILE A 7 -6.62 -3.09 5.99
N PRO A 8 -5.39 -3.49 6.35
CA PRO A 8 -4.23 -2.57 6.52
C PRO A 8 -3.67 -2.08 5.18
N PRO A 9 -3.03 -0.89 5.15
CA PRO A 9 -2.48 -0.34 3.92
C PRO A 9 -1.20 -1.07 3.50
N ILE A 10 -1.21 -1.58 2.31
CA ILE A 10 -0.08 -2.30 1.79
C ILE A 10 0.69 -1.41 0.85
N PHE A 12 4.29 -0.68 -1.27
CA PHE A 12 5.53 -1.06 -1.86
C PHE A 12 6.19 0.23 -2.24
N PRO A 13 7.43 0.49 -1.80
CA PRO A 13 8.15 1.74 -2.13
C PRO A 13 8.36 1.91 -3.63
N ASP A 14 8.31 0.81 -4.32
CA ASP A 14 8.51 0.76 -5.76
C ASP A 14 7.23 0.29 -6.45
N GLY A 1 6.08 1.45 -5.61
CA GLY A 1 5.44 2.68 -5.97
C GLY A 1 4.01 2.79 -5.47
N ARG A 2 3.24 1.74 -5.65
CA ARG A 2 1.83 1.79 -5.30
C ARG A 2 1.59 1.47 -3.84
N THR A 4 -1.56 0.57 -1.38
CA THR A 4 -2.93 0.19 -1.25
C THR A 4 -3.44 0.82 0.04
N LYS A 5 -4.38 1.71 -0.07
CA LYS A 5 -4.88 2.47 1.07
C LYS A 5 -5.96 1.71 1.84
N SER A 6 -6.17 0.49 1.45
CA SER A 6 -7.10 -0.37 2.12
C SER A 6 -6.44 -0.85 3.41
N ILE A 7 -6.94 -0.41 4.54
CA ILE A 7 -6.34 -0.71 5.83
C ILE A 7 -6.60 -2.16 6.27
N PRO A 8 -5.58 -2.86 6.86
CA PRO A 8 -4.22 -2.32 7.10
C PRO A 8 -3.49 -2.03 5.79
N PRO A 9 -2.95 -0.82 5.64
CA PRO A 9 -2.41 -0.36 4.37
C PRO A 9 -1.14 -1.09 3.99
N ILE A 10 -1.13 -1.60 2.80
CA ILE A 10 -0.02 -2.27 2.29
C ILE A 10 0.53 -1.48 1.12
N PHE A 12 3.84 -0.66 -1.31
CA PHE A 12 5.00 -1.28 -1.82
C PHE A 12 6.02 -0.21 -2.18
N PRO A 13 7.32 -0.46 -1.92
CA PRO A 13 8.40 0.46 -2.28
C PRO A 13 8.47 0.63 -3.79
N ASP A 14 7.84 -0.31 -4.47
CA ASP A 14 7.68 -0.35 -5.92
C ASP A 14 7.01 0.91 -6.41
N GLY A 1 6.11 0.64 -6.21
CA GLY A 1 4.90 -0.01 -6.62
C GLY A 1 3.68 0.79 -6.22
N ARG A 2 2.86 0.21 -5.39
CA ARG A 2 1.60 0.82 -5.01
C ARG A 2 1.49 0.96 -3.49
N THR A 4 -2.04 1.46 -1.50
CA THR A 4 -3.44 1.73 -1.39
C THR A 4 -3.78 1.84 0.11
N LYS A 5 -4.60 2.81 0.47
CA LYS A 5 -4.91 3.07 1.83
C LYS A 5 -6.10 2.27 2.24
N SER A 6 -5.91 1.01 2.21
CA SER A 6 -6.87 0.08 2.63
C SER A 6 -6.56 -0.22 4.08
N ILE A 7 -7.19 -1.20 4.63
CA ILE A 7 -6.92 -1.56 5.99
C ILE A 7 -6.65 -3.07 6.11
N PRO A 8 -5.38 -3.47 6.33
CA PRO A 8 -4.22 -2.58 6.49
C PRO A 8 -3.70 -2.06 5.14
N PRO A 9 -3.06 -0.88 5.12
CA PRO A 9 -2.51 -0.33 3.90
C PRO A 9 -1.22 -1.01 3.50
N ILE A 10 -1.23 -1.66 2.38
CA ILE A 10 -0.07 -2.35 1.90
C ILE A 10 0.62 -1.48 0.87
N PHE A 12 4.30 -0.58 -1.28
CA PHE A 12 5.54 -1.01 -1.82
C PHE A 12 6.31 0.26 -2.16
N PRO A 13 7.59 0.38 -1.75
CA PRO A 13 8.43 1.57 -2.03
C PRO A 13 8.63 1.80 -3.52
N ASP A 14 8.38 0.77 -4.27
CA ASP A 14 8.41 0.79 -5.70
C ASP A 14 7.23 0.00 -6.16
N GLY A 1 5.99 -0.42 -5.63
CA GLY A 1 4.62 -0.66 -5.93
C GLY A 1 3.82 0.58 -5.76
N ARG A 2 2.86 0.52 -4.87
CA ARG A 2 1.98 1.61 -4.60
C ARG A 2 1.53 1.47 -3.15
N THR A 4 -1.75 1.46 -0.83
CA THR A 4 -3.17 1.39 -0.81
C THR A 4 -3.74 2.09 0.43
N LYS A 5 -4.95 2.58 0.35
CA LYS A 5 -5.59 3.24 1.49
C LYS A 5 -6.52 2.34 2.25
N SER A 6 -6.68 1.16 1.76
CA SER A 6 -7.49 0.16 2.41
C SER A 6 -6.64 -0.50 3.51
N ILE A 7 -7.25 -0.83 4.63
CA ILE A 7 -6.51 -1.42 5.73
C ILE A 7 -6.65 -2.96 5.75
N PRO A 8 -5.55 -3.69 6.04
CA PRO A 8 -4.22 -3.12 6.32
C PRO A 8 -3.61 -2.57 5.04
N PRO A 9 -2.93 -1.43 5.12
CA PRO A 9 -2.39 -0.76 3.94
C PRO A 9 -1.09 -1.40 3.44
N ILE A 10 -1.00 -1.57 2.15
CA ILE A 10 0.17 -2.12 1.53
C ILE A 10 0.87 -1.00 0.81
N PHE A 12 4.50 -0.30 -0.99
CA PHE A 12 5.82 -0.65 -1.43
C PHE A 12 6.34 0.45 -2.32
N PRO A 13 7.61 0.86 -2.18
CA PRO A 13 8.23 1.89 -3.04
C PRO A 13 8.26 1.45 -4.50
N ASP A 14 8.32 0.15 -4.66
CA ASP A 14 8.34 -0.50 -5.98
C ASP A 14 6.94 -0.76 -6.45
N GLY A 1 6.29 0.88 -5.72
CA GLY A 1 5.08 0.66 -6.44
C GLY A 1 3.87 1.26 -5.81
N ARG A 2 2.83 0.46 -5.70
CA ARG A 2 1.55 0.90 -5.19
C ARG A 2 1.46 0.86 -3.70
N THR A 4 -1.92 0.72 -1.09
CA THR A 4 -3.34 0.64 -0.93
C THR A 4 -3.74 1.49 0.27
N LYS A 5 -4.81 2.25 0.12
CA LYS A 5 -5.26 3.18 1.17
C LYS A 5 -6.15 2.49 2.18
N SER A 6 -6.61 1.35 1.81
CA SER A 6 -7.44 0.53 2.67
C SER A 6 -6.54 -0.17 3.68
N ILE A 7 -6.97 -0.21 4.92
CA ILE A 7 -6.17 -0.78 5.99
C ILE A 7 -6.49 -2.27 6.17
N PRO A 8 -5.48 -3.11 6.54
CA PRO A 8 -4.08 -2.69 6.73
C PRO A 8 -3.46 -2.30 5.40
N PRO A 9 -2.80 -1.14 5.35
CA PRO A 9 -2.28 -0.58 4.10
C PRO A 9 -1.08 -1.36 3.57
N ILE A 10 -1.21 -1.85 2.36
CA ILE A 10 -0.16 -2.59 1.71
C ILE A 10 0.57 -1.66 0.76
N PHE A 12 4.22 -0.84 -1.44
CA PHE A 12 5.48 -1.25 -1.97
C PHE A 12 6.23 0.03 -2.25
N PRO A 13 7.47 0.16 -1.76
CA PRO A 13 8.24 1.42 -1.85
C PRO A 13 8.50 1.89 -3.29
N ASP A 14 8.44 0.95 -4.19
CA ASP A 14 8.67 1.22 -5.60
C ASP A 14 7.38 1.13 -6.38
N GLY A 1 5.75 -0.31 -5.78
CA GLY A 1 4.42 -0.22 -6.29
C GLY A 1 3.75 1.03 -5.82
N ARG A 2 2.64 0.89 -5.14
CA ARG A 2 1.89 2.03 -4.64
C ARG A 2 1.55 1.78 -3.17
N THR A 4 -1.71 1.59 -1.03
CA THR A 4 -3.13 1.54 -0.94
C THR A 4 -3.54 1.86 0.48
N LYS A 5 -4.63 2.54 0.63
CA LYS A 5 -5.16 2.86 1.92
C LYS A 5 -6.24 1.86 2.30
N SER A 6 -6.32 0.80 1.54
CA SER A 6 -7.22 -0.29 1.83
C SER A 6 -6.57 -1.10 2.94
N ILE A 7 -7.15 -1.07 4.13
CA ILE A 7 -6.53 -1.67 5.30
C ILE A 7 -6.38 -3.19 5.21
N PRO A 8 -5.23 -3.73 5.65
CA PRO A 8 -4.10 -2.93 6.15
C PRO A 8 -3.35 -2.26 4.99
N PRO A 9 -2.94 -0.99 5.14
CA PRO A 9 -2.31 -0.27 4.06
C PRO A 9 -0.92 -0.79 3.78
N ILE A 10 -0.77 -1.36 2.64
CA ILE A 10 0.49 -1.89 2.25
C ILE A 10 1.08 -0.92 1.27
N PHE A 12 3.97 -0.32 -1.00
CA PHE A 12 5.06 -0.89 -1.72
C PHE A 12 5.88 0.23 -2.32
N PRO A 13 7.18 0.29 -2.06
CA PRO A 13 8.05 1.29 -2.72
C PRO A 13 8.28 0.91 -4.17
N ASP A 14 7.98 -0.34 -4.45
CA ASP A 14 8.06 -0.93 -5.77
C ASP A 14 6.72 -0.89 -6.45
N GLY A 1 5.99 1.43 -5.64
CA GLY A 1 5.12 2.54 -5.90
C GLY A 1 3.71 2.11 -5.90
N ARG A 2 3.37 1.28 -4.94
CA ARG A 2 2.03 0.75 -4.82
C ARG A 2 1.61 0.76 -3.38
N THR A 4 -1.96 1.14 -1.03
CA THR A 4 -3.38 1.15 -1.03
C THR A 4 -3.91 1.91 0.20
N LYS A 5 -5.08 2.50 0.05
CA LYS A 5 -5.75 3.17 1.14
C LYS A 5 -6.64 2.18 1.89
N SER A 6 -6.56 0.94 1.48
CA SER A 6 -7.23 -0.16 2.13
C SER A 6 -6.50 -0.44 3.42
N ILE A 7 -7.19 -0.93 4.40
CA ILE A 7 -6.58 -1.23 5.67
C ILE A 7 -6.58 -2.74 5.91
N PRO A 8 -5.44 -3.32 6.32
CA PRO A 8 -4.19 -2.59 6.58
C PRO A 8 -3.51 -2.16 5.28
N PRO A 9 -2.93 -0.96 5.24
CA PRO A 9 -2.30 -0.46 4.05
C PRO A 9 -0.88 -0.97 3.89
N ILE A 10 -0.67 -1.72 2.87
CA ILE A 10 0.65 -2.21 2.57
C ILE A 10 1.15 -1.44 1.38
N PHE A 12 4.26 -0.77 -1.03
CA PHE A 12 5.50 -1.33 -1.50
C PHE A 12 6.32 -0.24 -2.16
N PRO A 13 7.67 -0.36 -2.06
CA PRO A 13 8.61 0.63 -2.67
C PRO A 13 8.58 0.60 -4.20
N ASP A 14 7.75 -0.28 -4.75
CA ASP A 14 7.50 -0.35 -6.20
C ASP A 14 6.64 0.83 -6.61
N GLY A 1 6.28 0.77 -5.85
CA GLY A 1 5.15 0.96 -6.70
C GLY A 1 3.92 1.50 -6.01
N ARG A 2 3.01 0.62 -5.67
CA ARG A 2 1.71 1.06 -5.18
C ARG A 2 1.57 0.95 -3.68
N THR A 4 -1.87 0.94 -1.43
CA THR A 4 -3.29 0.97 -1.41
C THR A 4 -3.75 1.55 -0.06
N LYS A 5 -4.61 2.54 -0.11
CA LYS A 5 -5.12 3.15 1.09
C LYS A 5 -6.35 2.42 1.53
N SER A 6 -6.11 1.30 2.10
CA SER A 6 -7.09 0.44 2.66
C SER A 6 -6.36 -0.27 3.75
N ILE A 7 -6.94 -0.40 4.90
CA ILE A 7 -6.21 -0.92 6.03
C ILE A 7 -6.55 -2.39 6.28
N PRO A 8 -5.58 -3.19 6.77
CA PRO A 8 -4.18 -2.77 6.99
C PRO A 8 -3.48 -2.45 5.65
N PRO A 9 -2.80 -1.31 5.56
CA PRO A 9 -2.26 -0.78 4.30
C PRO A 9 -1.08 -1.59 3.73
N ILE A 10 -1.22 -1.94 2.48
CA ILE A 10 -0.19 -2.65 1.77
C ILE A 10 0.50 -1.68 0.83
N PHE A 12 4.08 -0.79 -1.31
CA PHE A 12 5.33 -1.13 -1.85
C PHE A 12 5.96 0.17 -2.24
N PRO A 13 7.14 0.49 -1.70
CA PRO A 13 7.83 1.74 -2.02
C PRO A 13 8.22 1.80 -3.49
N ASP A 14 8.28 0.63 -4.09
CA ASP A 14 8.65 0.48 -5.48
C ASP A 14 7.49 0.78 -6.39
N GLY A 1 5.97 0.08 -5.73
CA GLY A 1 4.62 -0.12 -6.17
C GLY A 1 3.70 0.95 -5.66
N ARG A 2 2.57 0.54 -5.15
CA ARG A 2 1.57 1.47 -4.68
C ARG A 2 1.40 1.33 -3.19
N THR A 4 -1.89 1.40 -0.82
CA THR A 4 -3.32 1.41 -0.87
C THR A 4 -3.91 2.15 0.33
N LYS A 5 -5.13 2.63 0.17
CA LYS A 5 -5.86 3.33 1.21
C LYS A 5 -6.68 2.33 2.01
N SER A 6 -6.64 1.11 1.54
CA SER A 6 -7.34 0.02 2.17
C SER A 6 -6.50 -0.48 3.33
N ILE A 7 -7.14 -0.93 4.37
CA ILE A 7 -6.46 -1.41 5.55
C ILE A 7 -6.47 -2.93 5.61
N PRO A 8 -5.35 -3.55 6.04
CA PRO A 8 -4.11 -2.86 6.38
C PRO A 8 -3.40 -2.34 5.13
N PRO A 9 -2.85 -1.14 5.16
CA PRO A 9 -2.23 -0.56 4.00
C PRO A 9 -0.85 -1.14 3.77
N ILE A 10 -0.66 -1.69 2.62
CA ILE A 10 0.62 -2.16 2.24
C ILE A 10 1.15 -1.25 1.17
N PHE A 12 4.23 -0.64 -1.25
CA PHE A 12 5.42 -1.15 -1.85
C PHE A 12 6.23 0.03 -2.30
N PRO A 13 7.53 0.06 -2.02
CA PRO A 13 8.39 1.20 -2.39
C PRO A 13 8.48 1.36 -3.91
N ASP A 14 8.30 0.26 -4.57
CA ASP A 14 8.36 0.19 -6.02
C ASP A 14 6.95 0.08 -6.59
N GLY A 1 6.15 0.51 -5.86
CA GLY A 1 4.86 0.40 -6.46
C GLY A 1 3.88 1.36 -5.86
N ARG A 2 2.66 0.92 -5.67
CA ARG A 2 1.60 1.77 -5.17
C ARG A 2 1.46 1.58 -3.67
N THR A 4 -1.47 0.72 -1.22
CA THR A 4 -2.84 0.33 -1.09
C THR A 4 -3.25 0.84 0.28
N LYS A 5 -4.05 1.85 0.26
CA LYS A 5 -4.40 2.64 1.43
C LYS A 5 -5.51 2.05 2.24
N SER A 6 -6.09 1.02 1.74
CA SER A 6 -7.17 0.37 2.42
C SER A 6 -6.58 -0.42 3.57
N ILE A 7 -7.15 -0.25 4.71
CA ILE A 7 -6.62 -0.82 5.94
C ILE A 7 -6.94 -2.31 6.08
N PRO A 8 -5.99 -3.13 6.54
CA PRO A 8 -4.60 -2.71 6.84
C PRO A 8 -3.83 -2.40 5.54
N PRO A 9 -3.19 -1.23 5.43
CA PRO A 9 -2.61 -0.80 4.18
C PRO A 9 -1.32 -1.54 3.84
N ILE A 10 -1.09 -1.70 2.58
CA ILE A 10 0.08 -2.36 2.09
C ILE A 10 0.68 -1.51 0.98
N PHE A 12 3.99 -0.42 -1.38
CA PHE A 12 5.19 -0.88 -2.00
C PHE A 12 6.03 0.33 -2.34
N PRO A 13 7.31 0.37 -1.92
CA PRO A 13 8.21 1.50 -2.22
C PRO A 13 8.56 1.54 -3.70
N ASP A 14 8.27 0.46 -4.40
CA ASP A 14 8.54 0.36 -5.82
C ASP A 14 7.23 0.28 -6.57
N GLY A 1 6.35 0.14 -5.79
CA GLY A 1 5.04 -0.21 -6.31
C GLY A 1 3.89 0.57 -5.70
N ARG A 2 2.72 -0.01 -5.78
CA ARG A 2 1.48 0.62 -5.34
C ARG A 2 1.35 0.69 -3.81
N THR A 4 -2.03 0.84 -1.40
CA THR A 4 -3.42 0.92 -1.14
C THR A 4 -3.56 1.22 0.34
N LYS A 5 -4.11 2.37 0.65
CA LYS A 5 -4.23 2.87 2.00
C LYS A 5 -5.40 2.27 2.76
N SER A 6 -6.10 1.39 2.11
CA SER A 6 -7.21 0.72 2.71
C SER A 6 -6.61 -0.28 3.69
N ILE A 7 -6.98 -0.15 4.92
CA ILE A 7 -6.37 -0.90 6.02
C ILE A 7 -6.65 -2.41 5.94
N PRO A 8 -5.62 -3.26 6.10
CA PRO A 8 -4.22 -2.84 6.34
C PRO A 8 -3.59 -2.29 5.06
N PRO A 9 -2.95 -1.12 5.13
CA PRO A 9 -2.41 -0.46 3.96
C PRO A 9 -1.18 -1.16 3.39
N ILE A 10 -1.37 -1.78 2.26
CA ILE A 10 -0.33 -2.48 1.56
C ILE A 10 0.38 -1.52 0.64
N PHE A 12 4.24 -0.56 -1.26
CA PHE A 12 5.58 -0.91 -1.61
C PHE A 12 6.28 0.39 -1.99
N PRO A 13 7.55 0.57 -1.59
CA PRO A 13 8.28 1.79 -1.89
C PRO A 13 8.29 2.15 -3.37
N ASP A 14 8.39 1.15 -4.18
CA ASP A 14 8.41 1.36 -5.63
C ASP A 14 7.01 1.20 -6.20
N GLY A 1 5.86 1.01 -6.08
CA GLY A 1 4.78 1.64 -6.78
C GLY A 1 3.47 1.79 -6.01
N ARG A 2 2.97 0.73 -5.44
CA ARG A 2 1.64 0.77 -4.84
C ARG A 2 1.62 0.75 -3.32
N THR A 4 -1.66 0.87 -0.79
CA THR A 4 -3.08 0.90 -0.81
C THR A 4 -3.63 1.74 0.31
N LYS A 5 -4.70 2.45 0.02
CA LYS A 5 -5.38 3.25 0.99
C LYS A 5 -6.38 2.43 1.79
N SER A 6 -6.46 1.17 1.49
CA SER A 6 -7.31 0.29 2.20
C SER A 6 -6.51 -0.28 3.36
N ILE A 7 -7.13 -0.34 4.49
CA ILE A 7 -6.47 -0.88 5.67
C ILE A 7 -6.78 -2.36 5.80
N PRO A 8 -5.81 -3.20 6.25
CA PRO A 8 -4.43 -2.76 6.60
C PRO A 8 -3.65 -2.31 5.35
N PRO A 9 -2.96 -1.17 5.40
CA PRO A 9 -2.29 -0.65 4.23
C PRO A 9 -0.95 -1.33 3.97
N ILE A 10 -0.88 -1.97 2.85
CA ILE A 10 0.36 -2.56 2.41
C ILE A 10 0.95 -1.66 1.34
N PHE A 12 4.32 -0.86 -1.16
CA PHE A 12 5.50 -1.26 -1.84
C PHE A 12 6.13 0.01 -2.35
N PRO A 13 7.39 0.29 -1.97
CA PRO A 13 8.10 1.52 -2.40
C PRO A 13 8.31 1.56 -3.91
N ASP A 14 8.08 0.43 -4.53
CA ASP A 14 8.20 0.27 -5.95
C ASP A 14 7.05 0.97 -6.68
#